data_9JWT
#
_entry.id   9JWT
#
_cell.length_a   40.496
_cell.length_b   43.038
_cell.length_c   143.291
_cell.angle_alpha   90.000
_cell.angle_beta   90.000
_cell.angle_gamma   90.000
#
_symmetry.space_group_name_H-M   'P 21 21 21'
#
loop_
_entity.id
_entity.type
_entity.pdbx_description
1 polymer MSD3-holo
2 non-polymer beta-D-allopyranose
3 water water
#
_entity_poly.entity_id   1
_entity_poly.type   'polypeptide(L)'
_entity_poly.pdbx_seq_one_letter_code
;AKKYAVVLKTLTDPFWQSMKAGIEAEAKELGVTVDIFAAASEGDAEAQLALFESLSNKNYKGIAFAPLTADNLVEPVASA
WKKGTYLVNLDDKIDMKALKAAGGNVEAFVTTDNVAVGAQGAGYIIEKLGAEGGEVAIIEGEAGNAAGEARTKGATDAFD
KASNIKLVASQPADWDRAKAKQVATDILAKHPNIKAIYCANDTMALGVAQAVADAGKTGKVLVVGTDGIPEAQQAVKAGK
MTATVAQNPAAIGATGLKLMVDAQKKGKVIPLDKKPQYVLVASKLVTKLEHHHHHH
;
_entity_poly.pdbx_strand_id   A
#
loop_
_chem_comp.id
_chem_comp.type
_chem_comp.name
_chem_comp.formula
ALL D-saccharide, beta linking beta-D-allopyranose 'C6 H12 O6'
#
# COMPACT_ATOMS: atom_id res chain seq x y z
N LYS A 2 21.59 6.67 -20.15
CA LYS A 2 20.58 7.48 -19.46
C LYS A 2 20.22 6.91 -18.09
N LYS A 3 19.43 7.68 -17.34
CA LYS A 3 19.07 7.32 -16.00
C LYS A 3 17.67 6.74 -15.96
N TYR A 4 17.24 6.35 -14.78
CA TYR A 4 15.87 5.94 -14.53
C TYR A 4 15.25 6.90 -13.53
N ALA A 5 13.93 7.00 -13.57
CA ALA A 5 13.20 7.83 -12.63
C ALA A 5 12.17 7.00 -11.89
N VAL A 6 11.87 7.39 -10.66
CA VAL A 6 10.81 6.76 -9.86
C VAL A 6 9.96 7.87 -9.29
N VAL A 7 8.64 7.75 -9.48
CA VAL A 7 7.69 8.67 -8.88
C VAL A 7 6.93 7.89 -7.83
N LEU A 8 7.05 8.28 -6.57
CA LEU A 8 6.34 7.59 -5.50
C LEU A 8 5.19 8.46 -5.02
N LYS A 9 4.33 7.87 -4.17
CA LYS A 9 3.21 8.63 -3.65
C LYS A 9 3.70 9.81 -2.81
N THR A 10 4.69 9.56 -1.97
CA THR A 10 5.23 10.54 -1.05
C THR A 10 6.62 10.06 -0.66
N LEU A 11 7.44 10.96 -0.15
CA LEU A 11 8.70 10.55 0.45
C LEU A 11 8.77 10.86 1.93
N THR A 12 7.66 11.28 2.54
CA THR A 12 7.70 11.63 3.94
C THR A 12 7.28 10.49 4.85
N ASP A 13 6.68 9.42 4.31
CA ASP A 13 6.19 8.35 5.16
C ASP A 13 7.08 7.13 5.04
N PRO A 14 7.29 6.41 6.15
CA PRO A 14 8.32 5.36 6.20
C PRO A 14 8.16 4.24 5.17
N PHE A 15 6.93 3.81 4.89
CA PHE A 15 6.74 2.77 3.86
C PHE A 15 7.40 3.19 2.54
N TRP A 16 7.16 4.45 2.14
CA TRP A 16 7.71 4.91 0.88
C TRP A 16 9.19 5.22 0.99
N GLN A 17 9.64 5.67 2.17
CA GLN A 17 11.07 5.86 2.37
C GLN A 17 11.81 4.54 2.26
N SER A 18 11.24 3.45 2.79
CA SER A 18 11.85 2.13 2.61
C SER A 18 11.88 1.73 1.15
N MET A 19 10.83 2.08 0.40
CA MET A 19 10.83 1.73 -1.02
C MET A 19 11.94 2.47 -1.76
N LYS A 20 12.10 3.76 -1.48
CA LYS A 20 13.19 4.53 -2.07
C LYS A 20 14.54 3.91 -1.74
N ALA A 21 14.75 3.55 -0.48
CA ALA A 21 16.02 2.95 -0.08
C ALA A 21 16.23 1.62 -0.81
N GLY A 22 15.16 0.86 -0.98
CA GLY A 22 15.30 -0.43 -1.68
C GLY A 22 15.64 -0.22 -3.14
N ILE A 23 15.02 0.78 -3.78
CA ILE A 23 15.37 1.11 -5.16
C ILE A 23 16.84 1.47 -5.27
N GLU A 24 17.33 2.29 -4.32
CA GLU A 24 18.73 2.71 -4.36
C GLU A 24 19.66 1.53 -4.12
N ALA A 25 19.30 0.63 -3.22
CA ALA A 25 20.13 -0.54 -2.98
C ALA A 25 20.23 -1.40 -4.24
N GLU A 26 19.10 -1.60 -4.92
CA GLU A 26 19.11 -2.37 -6.17
C GLU A 26 19.91 -1.66 -7.26
N ALA A 27 19.76 -0.33 -7.37
CA ALA A 27 20.52 0.43 -8.34
C ALA A 27 22.01 0.29 -8.10
N LYS A 28 22.40 0.19 -6.83
CA LYS A 28 23.79 0.00 -6.46
C LYS A 28 24.29 -1.38 -6.87
N GLU A 29 23.42 -2.39 -6.87
CA GLU A 29 23.84 -3.71 -7.34
C GLU A 29 23.84 -3.79 -8.86
N LEU A 30 22.87 -3.17 -9.52
CA LEU A 30 22.79 -3.21 -10.97
C LEU A 30 23.76 -2.25 -11.65
N GLY A 31 24.27 -1.25 -10.95
CA GLY A 31 25.09 -0.23 -11.57
C GLY A 31 24.31 0.70 -12.47
N VAL A 32 23.18 1.20 -11.99
CA VAL A 32 22.37 2.13 -12.76
C VAL A 32 22.10 3.34 -11.88
N THR A 33 21.79 4.45 -12.53
CA THR A 33 21.50 5.70 -11.83
C THR A 33 19.99 5.91 -11.82
N VAL A 34 19.44 6.23 -10.66
CA VAL A 34 17.99 6.33 -10.50
C VAL A 34 17.68 7.58 -9.69
N ASP A 35 16.78 8.41 -10.20
CA ASP A 35 16.26 9.57 -9.48
C ASP A 35 14.87 9.23 -8.96
N ILE A 36 14.63 9.47 -7.67
CA ILE A 36 13.39 9.06 -7.03
C ILE A 36 12.73 10.30 -6.46
N PHE A 37 11.48 10.54 -6.85
CA PHE A 37 10.78 11.76 -6.50
C PHE A 37 9.40 11.47 -5.94
N ALA A 38 8.87 12.46 -5.23
CA ALA A 38 7.45 12.59 -5.02
C ALA A 38 7.11 14.08 -5.07
N ALA A 39 5.84 14.38 -5.35
CA ALA A 39 5.43 15.76 -5.48
C ALA A 39 5.37 16.44 -4.13
N ALA A 40 5.58 17.76 -4.14
CA ALA A 40 5.64 18.54 -2.89
C ALA A 40 4.30 18.55 -2.17
N SER A 41 3.21 18.78 -2.90
CA SER A 41 1.89 18.83 -2.26
C SER A 41 1.47 17.41 -1.90
N GLU A 42 1.40 17.13 -0.60
CA GLU A 42 1.14 15.77 -0.15
C GLU A 42 -0.26 15.33 -0.55
N GLY A 43 -0.34 14.12 -1.10
CA GLY A 43 -1.61 13.54 -1.49
C GLY A 43 -2.29 14.22 -2.64
N ASP A 44 -1.63 15.16 -3.31
CA ASP A 44 -2.26 15.88 -4.42
C ASP A 44 -1.99 15.11 -5.72
N ALA A 45 -3.06 14.52 -6.27
CA ALA A 45 -2.93 13.72 -7.48
C ALA A 45 -2.52 14.56 -8.68
N GLU A 46 -2.96 15.82 -8.74
CA GLU A 46 -2.61 16.68 -9.86
C GLU A 46 -1.15 17.12 -9.79
N ALA A 47 -0.64 17.33 -8.57
CA ALA A 47 0.78 17.64 -8.42
C ALA A 47 1.64 16.45 -8.84
N GLN A 48 1.22 15.24 -8.49
CA GLN A 48 2.01 14.08 -8.89
C GLN A 48 1.96 13.90 -10.41
N LEU A 49 0.83 14.20 -11.03
CA LEU A 49 0.78 14.16 -12.49
C LEU A 49 1.76 15.16 -13.09
N ALA A 50 1.73 16.40 -12.58
CA ALA A 50 2.65 17.43 -13.07
C ALA A 50 4.10 17.00 -12.88
N LEU A 51 4.42 16.35 -11.76
CA LEU A 51 5.77 15.84 -11.56
C LEU A 51 6.12 14.78 -12.60
N PHE A 52 5.21 13.85 -12.82
CA PHE A 52 5.43 12.81 -13.83
C PHE A 52 5.67 13.45 -15.20
N GLU A 53 4.84 14.44 -15.55
CA GLU A 53 4.97 15.06 -16.87
C GLU A 53 6.29 15.76 -17.04
N SER A 54 6.79 16.39 -15.97
CA SER A 54 8.09 17.06 -16.05
C SER A 54 9.21 16.05 -16.27
N LEU A 55 9.13 14.90 -15.60
CA LEU A 55 10.17 13.88 -15.72
C LEU A 55 10.12 13.21 -17.09
N SER A 56 8.92 12.91 -17.58
CA SER A 56 8.79 12.25 -18.88
C SER A 56 9.41 13.07 -20.02
N ASN A 57 9.85 14.30 -19.76
CA ASN A 57 10.52 15.13 -20.75
C ASN A 57 12.01 15.32 -20.44
N LYS A 58 12.57 14.51 -19.54
CA LYS A 58 13.98 14.57 -19.17
C LYS A 58 14.78 13.40 -19.71
N ASN A 59 14.24 12.64 -20.64
CA ASN A 59 14.98 11.58 -21.34
C ASN A 59 15.43 10.47 -20.38
N TYR A 60 14.56 10.06 -19.48
CA TYR A 60 14.84 8.87 -18.68
C TYR A 60 14.59 7.62 -19.53
N LYS A 61 15.42 6.59 -19.34
CA LYS A 61 15.18 5.31 -20.02
C LYS A 61 13.86 4.71 -19.58
N GLY A 62 13.59 4.79 -18.28
CA GLY A 62 12.44 4.13 -17.71
C GLY A 62 11.96 4.95 -16.53
N ILE A 63 10.66 4.85 -16.27
CA ILE A 63 10.02 5.51 -15.14
C ILE A 63 9.16 4.48 -14.43
N ALA A 64 9.43 4.26 -13.15
CA ALA A 64 8.54 3.47 -12.30
C ALA A 64 7.69 4.44 -11.49
N PHE A 65 6.46 4.05 -11.21
CA PHE A 65 5.55 4.99 -10.57
C PHE A 65 4.58 4.25 -9.65
N ALA A 66 4.27 4.90 -8.53
CA ALA A 66 3.20 4.48 -7.64
C ALA A 66 2.14 5.57 -7.67
N PRO A 67 1.02 5.37 -8.36
CA PRO A 67 0.07 6.48 -8.54
C PRO A 67 -0.72 6.74 -7.27
N LEU A 68 -1.01 8.02 -7.03
CA LEU A 68 -1.84 8.39 -5.89
C LEU A 68 -3.27 7.92 -6.04
N THR A 69 -3.79 7.86 -7.27
CA THR A 69 -5.08 7.26 -7.54
C THR A 69 -4.95 6.33 -8.73
N ALA A 70 -6.01 5.56 -8.97
CA ALA A 70 -6.01 4.64 -10.11
C ALA A 70 -5.95 5.37 -11.43
N ASP A 71 -6.45 6.61 -11.50
CA ASP A 71 -6.61 7.29 -12.78
C ASP A 71 -5.68 8.48 -12.99
N ASN A 72 -5.05 9.02 -11.95
CA ASN A 72 -4.40 10.32 -12.11
C ASN A 72 -3.19 10.27 -13.03
N LEU A 73 -2.55 9.11 -13.18
CA LEU A 73 -1.37 9.02 -14.03
C LEU A 73 -1.66 8.35 -15.35
N VAL A 74 -2.93 8.09 -15.67
CA VAL A 74 -3.26 7.34 -16.89
C VAL A 74 -2.74 8.05 -18.13
N GLU A 75 -3.05 9.34 -18.26
CA GLU A 75 -2.63 10.06 -19.48
C GLU A 75 -1.12 10.23 -19.58
N PRO A 76 -0.39 10.68 -18.54
CA PRO A 76 1.06 10.82 -18.69
C PRO A 76 1.80 9.49 -18.82
N VAL A 77 1.23 8.41 -18.31
CA VAL A 77 1.86 7.10 -18.51
C VAL A 77 1.69 6.65 -19.96
N ALA A 78 0.49 6.79 -20.50
CA ALA A 78 0.27 6.48 -21.91
C ALA A 78 1.17 7.33 -22.80
N SER A 79 1.29 8.62 -22.47
CA SER A 79 2.17 9.50 -23.24
C SER A 79 3.61 9.02 -23.20
N ALA A 80 4.07 8.56 -22.03
CA ALA A 80 5.46 8.08 -21.92
C ALA A 80 5.65 6.78 -22.67
N TRP A 81 4.65 5.88 -22.63
CA TRP A 81 4.75 4.64 -23.38
C TRP A 81 4.93 4.91 -24.87
N LYS A 82 4.16 5.87 -25.40
CA LYS A 82 4.26 6.21 -26.82
C LYS A 82 5.63 6.78 -27.17
N LYS A 83 6.32 7.36 -26.18
CA LYS A 83 7.67 7.87 -26.39
C LYS A 83 8.73 6.78 -26.27
N GLY A 84 8.35 5.54 -26.01
CA GLY A 84 9.31 4.48 -25.82
C GLY A 84 9.90 4.38 -24.43
N THR A 85 9.24 4.95 -23.42
CA THR A 85 9.71 4.83 -22.05
C THR A 85 9.34 3.47 -21.47
N TYR A 86 10.27 2.87 -20.73
CA TYR A 86 10.02 1.59 -20.08
C TYR A 86 9.37 1.87 -18.73
N LEU A 87 8.14 1.43 -18.57
CA LEU A 87 7.33 1.86 -17.45
C LEU A 87 7.01 0.70 -16.54
N VAL A 88 7.10 0.92 -15.23
CA VAL A 88 6.73 -0.11 -14.28
C VAL A 88 5.80 0.51 -13.24
N ASN A 89 4.64 -0.10 -13.05
CA ASN A 89 3.68 0.30 -12.03
C ASN A 89 4.10 -0.33 -10.70
N LEU A 90 4.30 0.49 -9.66
CA LEU A 90 4.67 0.01 -8.34
C LEU A 90 3.49 0.09 -7.39
N ASP A 91 3.29 -0.97 -6.60
CA ASP A 91 2.42 -0.96 -5.43
C ASP A 91 0.93 -0.90 -5.71
N ASP A 92 0.48 0.20 -6.31
CA ASP A 92 -0.94 0.53 -6.37
C ASP A 92 -1.36 0.58 -7.84
N LYS A 93 -2.34 -0.24 -8.20
CA LYS A 93 -2.62 -0.53 -9.60
C LYS A 93 -3.25 0.67 -10.31
N ILE A 94 -2.61 1.10 -11.41
CA ILE A 94 -3.24 2.04 -12.31
C ILE A 94 -4.44 1.37 -12.98
N ASP A 95 -5.41 2.17 -13.40
CA ASP A 95 -6.55 1.64 -14.16
C ASP A 95 -6.02 1.19 -15.52
N MET A 96 -5.84 -0.12 -15.69
CA MET A 96 -5.17 -0.62 -16.90
C MET A 96 -6.09 -0.55 -18.11
N LYS A 97 -7.39 -0.82 -17.95
CA LYS A 97 -8.28 -0.67 -19.10
C LYS A 97 -8.32 0.78 -19.55
N ALA A 98 -8.29 1.72 -18.60
CA ALA A 98 -8.21 3.14 -18.97
C ALA A 98 -6.87 3.46 -19.64
N LEU A 99 -5.77 2.89 -19.14
CA LEU A 99 -4.47 3.11 -19.77
C LEU A 99 -4.47 2.60 -21.20
N LYS A 100 -5.00 1.39 -21.42
CA LYS A 100 -5.08 0.86 -22.79
C LYS A 100 -5.93 1.77 -23.67
N ALA A 101 -7.06 2.24 -23.15
CA ALA A 101 -7.90 3.15 -23.92
C ALA A 101 -7.16 4.44 -24.26
N ALA A 102 -6.29 4.90 -23.37
CA ALA A 102 -5.46 6.07 -23.62
C ALA A 102 -4.30 5.79 -24.57
N GLY A 103 -4.10 4.53 -24.98
CA GLY A 103 -3.07 4.20 -25.94
C GLY A 103 -1.75 3.80 -25.36
N GLY A 104 -1.71 3.32 -24.11
CA GLY A 104 -0.48 3.02 -23.43
C GLY A 104 -0.52 1.67 -22.73
N ASN A 105 0.64 1.31 -22.16
CA ASN A 105 0.81 0.05 -21.45
C ASN A 105 1.95 0.27 -20.46
N VAL A 106 2.17 -0.72 -19.59
CA VAL A 106 3.35 -0.76 -18.75
C VAL A 106 4.03 -2.12 -18.89
N GLU A 107 5.34 -2.15 -18.66
CA GLU A 107 6.09 -3.40 -18.74
C GLU A 107 5.65 -4.38 -17.66
N ALA A 108 5.33 -3.87 -16.47
CA ALA A 108 5.13 -4.72 -15.32
C ALA A 108 4.40 -3.94 -14.23
N PHE A 109 3.73 -4.70 -13.36
CA PHE A 109 3.14 -4.21 -12.13
C PHE A 109 3.71 -5.07 -11.01
N VAL A 110 4.30 -4.42 -10.02
CA VAL A 110 4.92 -5.08 -8.88
C VAL A 110 4.14 -4.66 -7.65
N THR A 111 3.66 -5.64 -6.89
CA THR A 111 2.74 -5.31 -5.81
C THR A 111 2.74 -6.44 -4.79
N THR A 112 2.00 -6.25 -3.72
CA THR A 112 1.69 -7.28 -2.75
C THR A 112 0.32 -7.87 -3.09
N ASP A 113 0.11 -9.14 -2.75
CA ASP A 113 -1.23 -9.70 -2.86
C ASP A 113 -2.07 -9.07 -1.76
N ASN A 114 -2.80 -8.02 -2.11
CA ASN A 114 -3.44 -7.19 -1.10
C ASN A 114 -4.78 -7.75 -0.63
N VAL A 115 -5.43 -8.59 -1.44
CA VAL A 115 -6.54 -9.36 -0.90
C VAL A 115 -6.05 -10.25 0.24
N ALA A 116 -4.91 -10.93 0.02
CA ALA A 116 -4.36 -11.80 1.05
C ALA A 116 -3.96 -11.01 2.28
N VAL A 117 -3.46 -9.79 2.09
CA VAL A 117 -3.14 -8.92 3.24
C VAL A 117 -4.37 -8.71 4.11
N GLY A 118 -5.47 -8.27 3.50
CA GLY A 118 -6.69 -8.07 4.27
C GLY A 118 -7.18 -9.35 4.92
N ALA A 119 -7.12 -10.47 4.18
CA ALA A 119 -7.54 -11.75 4.73
C ALA A 119 -6.68 -12.16 5.92
N GLN A 120 -5.38 -11.88 5.86
CA GLN A 120 -4.48 -12.16 6.98
C GLN A 120 -4.78 -11.27 8.17
N GLY A 121 -4.96 -9.97 7.94
CA GLY A 121 -5.26 -9.07 9.04
C GLY A 121 -6.56 -9.46 9.73
N ALA A 122 -7.60 -9.66 8.93
CA ALA A 122 -8.88 -10.08 9.49
C ALA A 122 -8.79 -11.48 10.09
N GLY A 123 -8.01 -12.37 9.46
CA GLY A 123 -7.92 -13.73 9.94
C GLY A 123 -7.27 -13.81 11.31
N TYR A 124 -6.24 -12.99 11.54
CA TYR A 124 -5.61 -12.98 12.85
C TYR A 124 -6.56 -12.43 13.90
N ILE A 125 -7.32 -11.40 13.55
CA ILE A 125 -8.36 -10.89 14.45
C ILE A 125 -9.35 -12.00 14.80
N ILE A 126 -9.84 -12.72 13.78
CA ILE A 126 -10.81 -13.79 14.01
C ILE A 126 -10.22 -14.85 14.94
N GLU A 127 -8.95 -15.22 14.71
CA GLU A 127 -8.27 -16.19 15.57
C GLU A 127 -8.15 -15.66 17.00
N LYS A 128 -7.78 -14.39 17.17
CA LYS A 128 -7.58 -13.86 18.51
C LYS A 128 -8.90 -13.69 19.25
N LEU A 129 -9.97 -13.35 18.54
CA LEU A 129 -11.26 -13.22 19.21
C LEU A 129 -11.86 -14.56 19.60
N GLY A 130 -11.49 -15.64 18.90
CA GLY A 130 -12.00 -16.96 19.25
C GLY A 130 -13.49 -17.10 18.97
N ALA A 131 -14.07 -18.14 19.59
CA ALA A 131 -15.44 -18.53 19.27
C ALA A 131 -16.43 -17.42 19.56
N GLU A 132 -16.22 -16.65 20.63
CA GLU A 132 -17.18 -15.60 20.96
C GLU A 132 -17.19 -14.49 19.92
N GLY A 133 -16.13 -14.37 19.11
CA GLY A 133 -16.13 -13.38 18.05
C GLY A 133 -16.31 -11.99 18.62
N GLY A 134 -17.17 -11.20 17.96
CA GLY A 134 -17.43 -9.85 18.40
C GLY A 134 -17.60 -8.87 17.25
N GLU A 135 -17.91 -7.63 17.60
CA GLU A 135 -17.99 -6.56 16.61
C GLU A 135 -16.59 -6.14 16.17
N VAL A 136 -16.44 -5.94 14.87
CA VAL A 136 -15.17 -5.52 14.29
C VAL A 136 -15.43 -4.37 13.33
N ALA A 137 -14.36 -3.67 12.99
CA ALA A 137 -14.47 -2.56 12.05
C ALA A 137 -13.24 -2.57 11.16
N ILE A 138 -13.38 -1.94 10.01
CA ILE A 138 -12.26 -1.70 9.10
C ILE A 138 -12.10 -0.21 8.91
N ILE A 139 -10.88 0.29 9.14
CA ILE A 139 -10.49 1.64 8.74
C ILE A 139 -9.80 1.52 7.38
N GLU A 140 -10.44 2.05 6.36
CA GLU A 140 -10.00 1.91 4.99
C GLU A 140 -9.02 3.01 4.61
N GLY A 141 -8.22 2.75 3.57
CA GLY A 141 -7.48 3.80 2.93
C GLY A 141 -8.42 4.63 2.07
N GLU A 142 -7.82 5.47 1.23
CA GLU A 142 -8.63 6.34 0.37
C GLU A 142 -9.48 5.50 -0.57
N ALA A 143 -10.76 5.85 -0.66
CA ALA A 143 -11.70 5.13 -1.50
C ALA A 143 -11.19 5.08 -2.94
N GLY A 144 -11.22 3.88 -3.52
CA GLY A 144 -10.84 3.71 -4.91
C GLY A 144 -9.38 3.37 -5.15
N ASN A 145 -8.50 3.56 -4.17
CA ASN A 145 -7.12 3.12 -4.35
C ASN A 145 -7.10 1.60 -4.38
N ALA A 146 -6.52 1.03 -5.43
CA ALA A 146 -6.70 -0.39 -5.70
C ALA A 146 -6.15 -1.26 -4.57
N ALA A 147 -4.95 -0.94 -4.07
CA ALA A 147 -4.35 -1.79 -3.04
C ALA A 147 -5.21 -1.76 -1.79
N GLY A 148 -5.62 -0.57 -1.36
CA GLY A 148 -6.49 -0.47 -0.20
C GLY A 148 -7.81 -1.19 -0.40
N GLU A 149 -8.41 -1.03 -1.58
CA GLU A 149 -9.69 -1.69 -1.85
C GLU A 149 -9.56 -3.20 -1.74
N ALA A 150 -8.44 -3.74 -2.22
CA ALA A 150 -8.20 -5.18 -2.11
C ALA A 150 -8.08 -5.61 -0.65
N ARG A 151 -7.42 -4.82 0.18
CA ARG A 151 -7.33 -5.16 1.59
C ARG A 151 -8.70 -5.15 2.24
N THR A 152 -9.50 -4.13 1.94
CA THR A 152 -10.85 -4.06 2.49
C THR A 152 -11.67 -5.26 2.07
N LYS A 153 -11.54 -5.67 0.80
CA LYS A 153 -12.28 -6.82 0.32
C LYS A 153 -11.85 -8.10 1.04
N GLY A 154 -10.54 -8.31 1.13
CA GLY A 154 -10.04 -9.52 1.77
C GLY A 154 -10.42 -9.61 3.23
N ALA A 155 -10.35 -8.47 3.94
CA ALA A 155 -10.78 -8.45 5.33
C ALA A 155 -12.28 -8.62 5.46
N THR A 156 -13.06 -7.92 4.61
CA THR A 156 -14.50 -7.99 4.70
C THR A 156 -15.01 -9.40 4.44
N ASP A 157 -14.43 -10.06 3.43
CA ASP A 157 -14.85 -11.42 3.10
C ASP A 157 -14.54 -12.38 4.23
N ALA A 158 -13.36 -12.25 4.85
CA ALA A 158 -13.00 -13.11 5.97
C ALA A 158 -13.93 -12.91 7.16
N PHE A 159 -14.20 -11.64 7.48
CA PHE A 159 -15.10 -11.34 8.59
C PHE A 159 -16.50 -11.88 8.32
N ASP A 160 -16.96 -11.75 7.08
CA ASP A 160 -18.32 -12.17 6.74
C ASP A 160 -18.52 -13.66 6.96
N LYS A 161 -17.50 -14.45 6.63
CA LYS A 161 -17.61 -15.90 6.75
C LYS A 161 -17.44 -16.41 8.17
N ALA A 162 -16.89 -15.59 9.06
CA ALA A 162 -16.51 -16.03 10.39
C ALA A 162 -17.69 -16.02 11.35
N SER A 163 -17.84 -17.11 12.10
CA SER A 163 -18.89 -17.23 13.10
C SER A 163 -18.75 -16.17 14.17
N ASN A 164 -19.87 -15.55 14.53
CA ASN A 164 -19.97 -14.59 15.63
C ASN A 164 -19.19 -13.30 15.39
N ILE A 165 -18.71 -13.06 14.17
CA ILE A 165 -18.06 -11.80 13.81
C ILE A 165 -19.09 -10.91 13.15
N LYS A 166 -19.17 -9.66 13.59
CA LYS A 166 -20.08 -8.69 13.00
C LYS A 166 -19.27 -7.46 12.62
N LEU A 167 -19.14 -7.22 11.32
CA LEU A 167 -18.49 -6.01 10.83
C LEU A 167 -19.48 -4.86 10.96
N VAL A 168 -19.24 -3.97 11.92
CA VAL A 168 -20.18 -2.90 12.22
C VAL A 168 -19.85 -1.58 11.53
N ALA A 169 -18.63 -1.42 11.03
CA ALA A 169 -18.24 -0.17 10.39
C ALA A 169 -17.11 -0.45 9.42
N SER A 170 -17.15 0.21 8.27
CA SER A 170 -16.07 0.14 7.27
C SER A 170 -15.98 1.53 6.67
N GLN A 171 -14.92 2.27 7.03
CA GLN A 171 -14.87 3.70 6.82
C GLN A 171 -13.49 4.13 6.41
N PRO A 172 -13.37 5.02 5.42
CA PRO A 172 -12.05 5.53 5.01
C PRO A 172 -11.48 6.53 5.98
N ALA A 173 -10.16 6.44 6.18
CA ALA A 173 -9.40 7.51 6.80
C ALA A 173 -8.26 7.97 5.91
N ASP A 174 -8.29 7.58 4.64
CA ASP A 174 -7.50 8.23 3.58
C ASP A 174 -6.01 8.22 3.89
N TRP A 175 -5.54 7.15 4.51
CA TRP A 175 -4.11 6.93 4.79
C TRP A 175 -3.55 7.96 5.74
N ASP A 176 -4.39 8.56 6.57
CA ASP A 176 -3.98 9.70 7.37
C ASP A 176 -4.10 9.34 8.85
N ARG A 177 -3.05 9.62 9.62
CA ARG A 177 -3.01 9.19 11.01
C ARG A 177 -4.04 9.94 11.85
N ALA A 178 -4.10 11.26 11.70
CA ALA A 178 -5.07 12.05 12.47
C ALA A 178 -6.50 11.66 12.10
N LYS A 179 -6.77 11.51 10.80
CA LYS A 179 -8.10 11.15 10.38
C LYS A 179 -8.47 9.76 10.86
N ALA A 180 -7.51 8.85 10.92
CA ALA A 180 -7.79 7.52 11.44
C ALA A 180 -8.08 7.55 12.94
N LYS A 181 -7.38 8.42 13.67
CA LYS A 181 -7.71 8.60 15.08
C LYS A 181 -9.12 9.15 15.24
N GLN A 182 -9.51 10.07 14.36
CA GLN A 182 -10.84 10.65 14.40
C GLN A 182 -11.90 9.60 14.08
N VAL A 183 -11.68 8.81 13.03
CA VAL A 183 -12.65 7.79 12.64
C VAL A 183 -12.75 6.72 13.73
N ALA A 184 -11.61 6.31 14.29
CA ALA A 184 -11.64 5.29 15.35
C ALA A 184 -12.36 5.82 16.60
N THR A 185 -12.12 7.08 16.95
CA THR A 185 -12.84 7.67 18.07
C THR A 185 -14.35 7.61 17.83
N ASP A 186 -14.78 7.88 16.61
CA ASP A 186 -16.20 7.82 16.30
C ASP A 186 -16.74 6.40 16.36
N ILE A 187 -15.96 5.45 15.86
CA ILE A 187 -16.38 4.05 15.90
C ILE A 187 -16.48 3.58 17.35
N LEU A 188 -15.50 3.94 18.16
CA LEU A 188 -15.52 3.57 19.57
C LEU A 188 -16.73 4.17 20.28
N ALA A 189 -17.09 5.41 19.91
CA ALA A 189 -18.25 6.04 20.52
C ALA A 189 -19.55 5.35 20.13
N LYS A 190 -19.70 5.01 18.85
CA LYS A 190 -20.95 4.46 18.39
C LYS A 190 -21.05 2.96 18.63
N HIS A 191 -19.93 2.29 18.89
CA HIS A 191 -19.87 0.85 19.05
C HIS A 191 -19.05 0.51 20.28
N PRO A 192 -19.59 0.74 21.48
CA PRO A 192 -18.79 0.56 22.70
C PRO A 192 -18.37 -0.88 22.93
N ASN A 193 -18.98 -1.83 22.22
CA ASN A 193 -18.61 -3.23 22.33
C ASN A 193 -17.63 -3.67 21.25
N ILE A 194 -17.05 -2.73 20.50
CA ILE A 194 -16.16 -3.10 19.40
C ILE A 194 -14.99 -3.89 19.97
N LYS A 195 -14.60 -4.96 19.27
CA LYS A 195 -13.55 -5.83 19.77
C LYS A 195 -12.27 -5.74 18.96
N ALA A 196 -12.34 -5.28 17.71
CA ALA A 196 -11.16 -5.27 16.86
C ALA A 196 -11.36 -4.31 15.70
N ILE A 197 -10.25 -3.74 15.25
CA ILE A 197 -10.25 -2.86 14.08
C ILE A 197 -9.10 -3.27 13.18
N TYR A 198 -9.41 -3.63 11.94
CA TYR A 198 -8.37 -3.81 10.95
C TYR A 198 -8.17 -2.50 10.20
N CYS A 199 -6.91 -2.09 10.03
CA CYS A 199 -6.58 -0.82 9.39
C CYS A 199 -5.74 -1.08 8.14
N ALA A 200 -6.10 -0.42 7.04
CA ALA A 200 -5.47 -0.75 5.76
C ALA A 200 -4.01 -0.31 5.66
N ASN A 201 -3.52 0.52 6.58
CA ASN A 201 -2.07 0.69 6.68
C ASN A 201 -1.72 1.12 8.10
N ASP A 202 -0.41 1.21 8.36
CA ASP A 202 0.11 1.49 9.69
C ASP A 202 -0.02 2.95 10.07
N THR A 203 0.15 3.88 9.11
CA THR A 203 -0.11 5.29 9.40
C THR A 203 -1.45 5.41 10.09
N MET A 204 -2.46 4.77 9.52
CA MET A 204 -3.79 4.80 10.10
C MET A 204 -3.85 4.01 11.40
N ALA A 205 -3.27 2.80 11.42
CA ALA A 205 -3.34 1.96 12.61
C ALA A 205 -2.72 2.64 13.83
N LEU A 206 -1.68 3.43 13.62
CA LEU A 206 -1.07 4.12 14.76
C LEU A 206 -2.01 5.20 15.30
N GLY A 207 -2.75 5.87 14.42
CA GLY A 207 -3.78 6.79 14.88
C GLY A 207 -4.92 6.08 15.60
N VAL A 208 -5.31 4.91 15.09
CA VAL A 208 -6.35 4.12 15.73
C VAL A 208 -5.91 3.69 17.13
N ALA A 209 -4.69 3.18 17.24
CA ALA A 209 -4.15 2.78 18.53
C ALA A 209 -4.22 3.92 19.54
N GLN A 210 -3.97 5.14 19.07
CA GLN A 210 -4.02 6.29 19.97
C GLN A 210 -5.46 6.59 20.39
N ALA A 211 -6.41 6.45 19.46
CA ALA A 211 -7.82 6.57 19.83
C ALA A 211 -8.21 5.52 20.85
N VAL A 212 -7.75 4.29 20.67
CA VAL A 212 -8.06 3.22 21.61
C VAL A 212 -7.45 3.52 22.97
N ALA A 213 -6.19 3.98 23.00
CA ALA A 213 -5.55 4.38 24.25
C ALA A 213 -6.33 5.50 24.91
N ASP A 214 -6.70 6.52 24.15
CA ASP A 214 -7.43 7.66 24.72
C ASP A 214 -8.76 7.23 25.32
N ALA A 215 -9.39 6.19 24.78
CA ALA A 215 -10.63 5.65 25.33
C ALA A 215 -10.39 4.68 26.48
N GLY A 216 -9.15 4.52 26.93
CA GLY A 216 -8.84 3.55 27.96
C GLY A 216 -8.99 2.10 27.54
N LYS A 217 -8.88 1.80 26.25
CA LYS A 217 -9.22 0.46 25.77
C LYS A 217 -8.03 -0.29 25.17
N THR A 218 -6.81 0.13 25.45
CA THR A 218 -5.65 -0.59 24.94
C THR A 218 -5.64 -2.01 25.47
N GLY A 219 -5.51 -2.97 24.56
CA GLY A 219 -5.62 -4.37 24.90
C GLY A 219 -7.02 -4.93 24.86
N LYS A 220 -8.03 -4.08 25.04
CA LYS A 220 -9.42 -4.49 24.94
C LYS A 220 -9.96 -4.44 23.52
N VAL A 221 -9.36 -3.62 22.66
CA VAL A 221 -9.74 -3.54 21.25
C VAL A 221 -8.49 -3.89 20.44
N LEU A 222 -8.56 -4.96 19.68
CA LEU A 222 -7.43 -5.33 18.83
C LEU A 222 -7.28 -4.29 17.73
N VAL A 223 -6.03 -3.99 17.38
CA VAL A 223 -5.72 -3.04 16.33
C VAL A 223 -4.67 -3.70 15.44
N VAL A 224 -5.01 -3.92 14.18
CA VAL A 224 -4.12 -4.55 13.23
C VAL A 224 -3.88 -3.60 12.08
N GLY A 225 -2.61 -3.38 11.73
CA GLY A 225 -2.25 -2.52 10.63
C GLY A 225 -1.75 -3.28 9.42
N THR A 226 -1.07 -2.56 8.54
CA THR A 226 -0.49 -3.12 7.32
C THR A 226 0.62 -2.19 6.88
N ASP A 227 1.76 -2.79 6.49
CA ASP A 227 2.98 -2.19 5.91
C ASP A 227 4.19 -2.67 6.68
N GLY A 228 4.09 -2.73 8.01
CA GLY A 228 5.21 -3.12 8.83
C GLY A 228 6.22 -2.02 9.08
N ILE A 229 5.78 -0.78 9.19
CA ILE A 229 6.74 0.32 9.34
C ILE A 229 7.34 0.21 10.74
N PRO A 230 8.53 0.76 10.99
CA PRO A 230 9.17 0.57 12.30
C PRO A 230 8.27 0.94 13.48
N GLU A 231 7.56 2.06 13.41
CA GLU A 231 6.76 2.48 14.55
C GLU A 231 5.63 1.48 14.81
N ALA A 232 5.12 0.84 13.76
CA ALA A 232 4.09 -0.15 14.00
C ALA A 232 4.69 -1.43 14.56
N GLN A 233 5.87 -1.83 14.08
CA GLN A 233 6.51 -3.01 14.66
C GLN A 233 6.87 -2.76 16.13
N GLN A 234 7.27 -1.53 16.46
CA GLN A 234 7.50 -1.18 17.86
C GLN A 234 6.19 -1.20 18.65
N ALA A 235 5.11 -0.69 18.06
CA ALA A 235 3.81 -0.73 18.73
C ALA A 235 3.38 -2.15 19.01
N VAL A 236 3.59 -3.06 18.05
CA VAL A 236 3.25 -4.46 18.26
C VAL A 236 4.06 -5.03 19.42
N LYS A 237 5.37 -4.75 19.43
CA LYS A 237 6.22 -5.21 20.53
C LYS A 237 5.73 -4.69 21.87
N ALA A 238 5.29 -3.44 21.92
CA ALA A 238 4.86 -2.80 23.17
C ALA A 238 3.43 -3.11 23.55
N GLY A 239 2.69 -3.85 22.71
CA GLY A 239 1.30 -4.12 22.99
C GLY A 239 0.34 -3.02 22.60
N LYS A 240 0.81 -1.96 21.95
CA LYS A 240 -0.05 -0.85 21.56
C LYS A 240 -0.79 -1.12 20.25
N MET A 241 -0.27 -2.04 19.44
CA MET A 241 -0.99 -2.61 18.32
C MET A 241 -0.94 -4.13 18.45
N THR A 242 -1.97 -4.79 17.92
CA THR A 242 -2.05 -6.24 18.05
C THR A 242 -1.12 -6.94 17.07
N ALA A 243 -1.07 -6.43 15.84
CA ALA A 243 -0.26 -7.03 14.79
C ALA A 243 -0.22 -6.04 13.62
N THR A 244 0.63 -6.34 12.64
CA THR A 244 0.56 -5.63 11.38
C THR A 244 0.95 -6.59 10.28
N VAL A 245 0.28 -6.50 9.13
CA VAL A 245 0.66 -7.32 7.98
C VAL A 245 1.77 -6.57 7.29
N ALA A 246 3.01 -7.02 7.48
CA ALA A 246 4.15 -6.31 6.91
C ALA A 246 4.20 -6.51 5.40
N GLN A 247 4.50 -5.43 4.68
CA GLN A 247 4.87 -5.54 3.28
C GLN A 247 6.38 -5.42 3.19
N ASN A 248 6.91 -5.59 1.99
CA ASN A 248 8.33 -5.43 1.72
C ASN A 248 8.50 -4.31 0.69
N PRO A 249 8.35 -3.06 1.11
CA PRO A 249 8.47 -1.97 0.13
C PRO A 249 9.82 -1.92 -0.55
N ALA A 250 10.89 -2.26 0.18
CA ALA A 250 12.21 -2.27 -0.44
C ALA A 250 12.25 -3.25 -1.59
N ALA A 251 11.65 -4.42 -1.42
CA ALA A 251 11.66 -5.40 -2.50
C ALA A 251 10.71 -5.01 -3.62
N ILE A 252 9.57 -4.40 -3.29
CA ILE A 252 8.70 -3.89 -4.34
C ILE A 252 9.49 -2.91 -5.21
N GLY A 253 10.20 -1.97 -4.59
CA GLY A 253 10.97 -1.01 -5.34
C GLY A 253 12.11 -1.63 -6.10
N ALA A 254 12.89 -2.50 -5.43
CA ALA A 254 14.03 -3.15 -6.08
C ALA A 254 13.57 -3.98 -7.26
N THR A 255 12.48 -4.73 -7.08
CA THR A 255 11.98 -5.56 -8.15
C THR A 255 11.52 -4.70 -9.33
N GLY A 256 10.84 -3.59 -9.05
CA GLY A 256 10.38 -2.73 -10.13
C GLY A 256 11.54 -2.14 -10.92
N LEU A 257 12.60 -1.74 -10.23
CA LEU A 257 13.78 -1.23 -10.94
C LEU A 257 14.38 -2.32 -11.80
N LYS A 258 14.54 -3.52 -11.23
CA LYS A 258 15.13 -4.64 -11.97
C LYS A 258 14.29 -4.98 -13.19
N LEU A 259 12.96 -4.99 -13.04
CA LEU A 259 12.09 -5.24 -14.20
C LEU A 259 12.27 -4.17 -15.26
N MET A 260 12.47 -2.93 -14.83
CA MET A 260 12.62 -1.84 -15.78
C MET A 260 13.94 -1.97 -16.53
N VAL A 261 15.00 -2.38 -15.83
CA VAL A 261 16.29 -2.58 -16.48
C VAL A 261 16.22 -3.78 -17.41
N ASP A 262 15.59 -4.87 -16.97
CA ASP A 262 15.54 -6.07 -17.79
C ASP A 262 14.63 -5.88 -19.01
N ALA A 263 13.63 -5.00 -18.91
CA ALA A 263 12.70 -4.81 -20.01
C ALA A 263 13.39 -4.25 -21.25
N GLN A 264 14.45 -3.46 -21.06
CA GLN A 264 15.12 -2.82 -22.19
C GLN A 264 15.95 -3.78 -23.02
N LYS A 265 16.19 -4.99 -22.52
CA LYS A 265 17.05 -5.93 -23.24
C LYS A 265 16.42 -6.36 -24.56
N LYS A 266 15.09 -6.36 -24.64
CA LYS A 266 14.44 -6.71 -25.90
C LYS A 266 14.42 -5.56 -26.89
N GLY A 267 14.91 -4.38 -26.49
CA GLY A 267 15.07 -3.27 -27.41
C GLY A 267 13.81 -2.53 -27.79
N LYS A 268 12.68 -2.85 -27.16
CA LYS A 268 11.42 -2.16 -27.43
C LYS A 268 10.55 -2.23 -26.18
N VAL A 269 9.64 -1.27 -26.04
CA VAL A 269 8.71 -1.31 -24.92
C VAL A 269 7.68 -2.38 -25.20
N ILE A 270 6.92 -2.74 -24.16
CA ILE A 270 5.93 -3.82 -24.28
C ILE A 270 4.90 -3.46 -25.34
N PRO A 271 4.51 -4.38 -26.21
CA PRO A 271 3.44 -4.05 -27.17
C PRO A 271 2.15 -3.66 -26.48
N LEU A 272 1.36 -2.83 -27.17
CA LEU A 272 0.11 -2.32 -26.61
C LEU A 272 -0.84 -3.45 -26.23
N ASP A 273 -0.85 -4.55 -27.00
CA ASP A 273 -1.81 -5.61 -26.74
C ASP A 273 -1.26 -6.72 -25.87
N LYS A 274 -0.06 -6.57 -25.32
CA LYS A 274 0.56 -7.59 -24.49
C LYS A 274 0.25 -7.32 -23.01
N LYS A 275 -0.04 -8.37 -22.26
CA LYS A 275 -0.31 -8.19 -20.84
C LYS A 275 0.99 -7.90 -20.10
N PRO A 276 1.00 -6.91 -19.21
CA PRO A 276 2.22 -6.63 -18.44
C PRO A 276 2.59 -7.79 -17.54
N GLN A 277 3.87 -7.82 -17.16
CA GLN A 277 4.29 -8.73 -16.11
C GLN A 277 3.60 -8.36 -14.82
N TYR A 278 3.35 -9.37 -14.00
CA TYR A 278 2.67 -9.19 -12.72
C TYR A 278 3.51 -9.92 -11.69
N VAL A 279 4.08 -9.17 -10.75
CA VAL A 279 5.10 -9.71 -9.86
C VAL A 279 4.66 -9.45 -8.44
N LEU A 280 4.39 -10.52 -7.71
CA LEU A 280 3.93 -10.42 -6.33
C LEU A 280 5.11 -10.48 -5.37
N VAL A 281 5.06 -9.62 -4.35
CA VAL A 281 6.05 -9.58 -3.29
C VAL A 281 5.37 -10.03 -2.01
N ALA A 282 6.04 -10.91 -1.28
CA ALA A 282 5.41 -11.54 -0.12
C ALA A 282 5.07 -10.53 0.96
N SER A 283 4.03 -10.83 1.72
CA SER A 283 3.72 -10.16 2.97
C SER A 283 3.97 -11.13 4.12
N LYS A 284 3.96 -10.60 5.33
CA LYS A 284 4.25 -11.39 6.52
C LYS A 284 3.55 -10.79 7.72
N LEU A 285 2.78 -11.61 8.43
CA LEU A 285 2.11 -11.15 9.65
C LEU A 285 3.14 -10.96 10.76
N VAL A 286 3.15 -9.78 11.34
CA VAL A 286 4.02 -9.45 12.46
C VAL A 286 3.16 -9.40 13.70
N THR A 287 3.39 -10.31 14.63
CA THR A 287 2.67 -10.38 15.88
C THR A 287 3.63 -10.18 17.04
N LYS A 288 3.07 -10.03 18.24
CA LYS A 288 3.90 -9.93 19.42
C LYS A 288 4.61 -11.25 19.65
N LEU A 289 5.94 -11.21 19.68
CA LEU A 289 6.73 -12.42 19.78
C LEU A 289 6.53 -13.03 21.16
N GLU A 290 5.90 -14.21 21.21
CA GLU A 290 5.65 -14.91 22.46
C GLU A 290 6.46 -16.19 22.50
N HIS A 291 7.35 -16.30 23.49
CA HIS A 291 8.12 -17.51 23.74
C HIS A 291 7.86 -18.06 25.14
N HIS A 292 6.80 -17.61 25.79
CA HIS A 292 6.47 -17.98 27.16
C HIS A 292 5.35 -19.01 27.14
N HIS A 293 5.63 -20.19 27.68
CA HIS A 293 4.63 -21.25 27.73
C HIS A 293 3.76 -21.14 28.98
C1 ALL B . -0.63 1.62 -0.27
C2 ALL B . 0.73 0.99 0.07
C3 ALL B . 1.02 1.25 1.55
C4 ALL B . 0.98 2.76 1.81
C5 ALL B . -0.36 3.34 1.33
C6 ALL B . -0.48 4.83 1.52
O1 ALL B . -0.95 1.47 -1.60
O2 ALL B . 0.73 -0.39 -0.21
O3 ALL B . 0.06 0.54 2.30
O4 ALL B . 1.17 3.01 3.19
O5 ALL B . -0.52 3.02 -0.05
O6 ALL B . 0.51 5.53 0.80
#